data_6BKH
#
_entry.id   6BKH
#
_cell.length_a   108.213
_cell.length_b   108.213
_cell.length_c   41.794
_cell.angle_alpha   90.000
_cell.angle_beta   90.000
_cell.angle_gamma   120.000
#
_symmetry.space_group_name_H-M   'P 61'
#
loop_
_entity.id
_entity.type
_entity.pdbx_description
1 polymer 'Tyrosine-protein kinase BTK'
2 non-polymer 'SULFATE ION'
3 non-polymer N-[2-(hydroxymethyl)-3-{5-[(5-methyl-4,5,6,7-tetrahydropyrazolo[1,5-a]pyrazin-2-yl)amino]-6-oxo-1,6-dihydropyridazin-3-yl}phenyl]-1-benzothiophene-2-carboxamide
4 water water
#
_entity_poly.entity_id   1
_entity_poly.type   'polypeptide(L)'
_entity_poly.pdbx_seq_one_letter_code
;MGSWEIDPKDLTFLKELGTGQFGVVKYGKWRGQYDVAIKMIKEGSMSEDEFIEEAKVMMNLSHEKLVQLYGVCTKQRPIF
IITEYMANG(OCS)LLNYLREMRHRFQTQQLLEMCKDVCEAMEYLESKQFLHRDLAARNCLVNDQGVVKVSDFGLSRYVL
DDEYTSSVGSKFPVRWSPPEVLMYSKFSSKSDIWAFGVLMWEIYSLGKMPYERFTNSETAEHIAQGLRLYRPHLASEKVY
TIMYSCWHEKADERPTFKILLSNILDVMDENLYFQGEEYMPTEHHHHHHHH
;
_entity_poly.pdbx_strand_id   A
#
loop_
_chem_comp.id
_chem_comp.type
_chem_comp.name
_chem_comp.formula
DVD non-polymer N-[2-(hydroxymethyl)-3-{5-[(5-methyl-4,5,6,7-tetrahydropyrazolo[1,5-a]pyrazin-2-yl)amino]-6-oxo-1,6-dihydropyridazin-3-yl}phenyl]-1-benzothiophene-2-carboxamide 'C27 H25 N7 O3 S'
SO4 non-polymer 'SULFATE ION' 'O4 S -2'
#
# COMPACT_ATOMS: atom_id res chain seq x y z
N GLU A 5 -1.04 23.80 -4.69
CA GLU A 5 -0.82 24.37 -3.35
C GLU A 5 -2.14 24.73 -2.63
N ILE A 6 -2.40 24.04 -1.54
CA ILE A 6 -3.59 24.34 -0.72
C ILE A 6 -3.29 25.48 0.25
N ASP A 7 -4.26 26.37 0.42
CA ASP A 7 -4.16 27.48 1.35
C ASP A 7 -4.39 26.92 2.75
N PRO A 8 -3.40 26.95 3.64
CA PRO A 8 -3.59 26.32 4.96
C PRO A 8 -4.73 26.94 5.75
N LYS A 9 -5.12 28.16 5.41
CA LYS A 9 -6.27 28.77 6.04
C LYS A 9 -7.56 28.01 5.77
N ASP A 10 -7.61 27.23 4.69
CA ASP A 10 -8.79 26.47 4.33
C ASP A 10 -8.89 25.15 5.07
N LEU A 11 -7.89 24.82 5.88
CA LEU A 11 -7.87 23.59 6.67
C LEU A 11 -8.33 23.84 8.11
N THR A 12 -9.14 22.92 8.60
CA THR A 12 -9.62 22.91 10.00
C THR A 12 -9.17 21.60 10.60
N PHE A 13 -8.29 21.66 11.61
CA PHE A 13 -7.83 20.44 12.27
C PHE A 13 -8.87 20.01 13.31
N LEU A 14 -9.20 18.74 13.33
CA LEU A 14 -10.26 18.22 14.19
C LEU A 14 -9.83 17.10 15.10
N LYS A 15 -9.05 16.13 14.62
CA LYS A 15 -8.73 14.97 15.45
C LYS A 15 -7.34 14.46 15.13
N GLU A 16 -6.71 13.88 16.14
CA GLU A 16 -5.44 13.19 15.94
C GLU A 16 -5.73 11.86 15.27
N LEU A 17 -4.92 11.49 14.27
CA LEU A 17 -5.03 10.19 13.62
C LEU A 17 -3.82 9.30 13.88
N GLY A 18 -2.90 9.71 14.73
CA GLY A 18 -1.71 8.91 14.99
C GLY A 18 -0.50 9.41 14.23
N THR A 19 0.47 8.49 14.04
CA THR A 19 1.79 8.84 13.58
C THR A 19 2.20 7.86 12.49
N GLY A 20 2.97 8.36 11.53
CA GLY A 20 3.46 7.51 10.46
C GLY A 20 4.92 7.82 10.19
N GLN A 21 5.44 7.41 9.03
CA GLN A 21 6.87 7.55 8.77
C GLN A 21 7.31 9.01 8.75
N PHE A 22 6.38 9.95 8.51
CA PHE A 22 6.69 11.37 8.51
C PHE A 22 6.14 12.10 9.73
N GLY A 23 5.72 11.40 10.76
CA GLY A 23 5.26 12.07 11.95
C GLY A 23 3.77 12.11 12.14
N VAL A 24 3.27 13.21 12.62
CA VAL A 24 1.89 13.30 13.05
C VAL A 24 0.98 13.44 11.84
N VAL A 25 -0.17 12.78 11.88
CA VAL A 25 -1.22 12.94 10.90
C VAL A 25 -2.50 13.30 11.63
N LYS A 26 -3.25 14.24 11.06
CA LYS A 26 -4.51 14.70 11.65
C LYS A 26 -5.67 14.49 10.70
N TYR A 27 -6.87 14.40 11.29
CA TYR A 27 -8.13 14.48 10.58
C TYR A 27 -8.64 15.92 10.67
N GLY A 28 -9.12 16.41 9.57
CA GLY A 28 -9.70 17.74 9.53
C GLY A 28 -10.63 17.87 8.35
N LYS A 29 -10.98 19.13 8.05
CA LYS A 29 -11.82 19.45 6.90
C LYS A 29 -11.14 20.50 6.03
N TRP A 30 -11.43 20.45 4.73
CA TRP A 30 -11.06 21.50 3.79
C TRP A 30 -12.29 22.31 3.45
N ARG A 31 -12.19 23.63 3.65
CA ARG A 31 -13.29 24.59 3.43
C ARG A 31 -14.56 24.14 4.12
N GLY A 32 -14.41 23.63 5.34
CA GLY A 32 -15.53 23.28 6.17
C GLY A 32 -16.32 22.07 5.71
N GLN A 33 -15.96 21.45 4.60
CA GLN A 33 -16.85 20.44 4.05
C GLN A 33 -16.22 19.09 3.76
N TYR A 34 -15.05 19.08 3.14
CA TYR A 34 -14.47 17.81 2.72
C TYR A 34 -13.59 17.25 3.82
N ASP A 35 -13.85 15.99 4.19
CA ASP A 35 -12.99 15.30 5.13
C ASP A 35 -11.63 15.02 4.50
N VAL A 36 -10.55 15.39 5.21
CA VAL A 36 -9.19 15.18 4.74
C VAL A 36 -8.33 14.62 5.86
N ALA A 37 -7.26 13.96 5.47
CA ALA A 37 -6.15 13.67 6.35
C ALA A 37 -5.02 14.63 6.03
N ILE A 38 -4.30 15.07 7.07
CA ILE A 38 -3.26 16.08 6.94
C ILE A 38 -2.01 15.53 7.60
N LYS A 39 -0.99 15.23 6.82
CA LYS A 39 0.30 14.86 7.38
C LYS A 39 1.05 16.13 7.71
N MET A 40 1.58 16.23 8.92
CA MET A 40 2.48 17.32 9.29
C MET A 40 3.88 16.71 9.27
N ILE A 41 4.65 17.07 8.24
CA ILE A 41 5.93 16.41 7.95
C ILE A 41 6.97 16.83 8.97
N LYS A 42 7.34 15.90 9.85
CA LYS A 42 8.40 16.11 10.82
C LYS A 42 9.68 16.56 10.14
N GLU A 43 10.25 17.66 10.63
CA GLU A 43 11.49 18.15 10.09
C GLU A 43 12.57 17.08 10.24
N GLY A 44 13.35 16.89 9.19
CA GLY A 44 14.36 15.87 9.16
C GLY A 44 13.87 14.49 8.79
N SER A 45 12.56 14.29 8.64
CA SER A 45 12.01 12.98 8.33
C SER A 45 11.85 12.73 6.84
N MET A 46 11.87 13.78 6.03
CA MET A 46 11.58 13.67 4.61
C MET A 46 12.64 14.41 3.80
N SER A 47 12.94 13.86 2.62
CA SER A 47 13.74 14.55 1.61
C SER A 47 12.82 15.56 0.93
N GLU A 48 12.73 16.76 1.51
CA GLU A 48 11.66 17.69 1.16
C GLU A 48 11.85 18.29 -0.23
N ASP A 49 13.07 18.72 -0.55
CA ASP A 49 13.34 19.24 -1.89
C ASP A 49 12.91 18.23 -2.96
N GLU A 50 13.40 17.00 -2.83
CA GLU A 50 13.04 15.95 -3.78
C GLU A 50 11.52 15.78 -3.88
N PHE A 51 10.81 15.82 -2.74
CA PHE A 51 9.37 15.61 -2.78
C PHE A 51 8.66 16.76 -3.46
N ILE A 52 8.94 17.99 -3.03
CA ILE A 52 8.31 19.15 -3.63
C ILE A 52 8.60 19.20 -5.11
N GLU A 53 9.84 18.86 -5.49
CA GLU A 53 10.24 18.86 -6.89
C GLU A 53 9.40 17.91 -7.73
N GLU A 54 9.02 16.74 -7.18
CA GLU A 54 8.31 15.72 -7.94
C GLU A 54 6.86 15.54 -7.50
N ALA A 55 6.30 16.49 -6.77
CA ALA A 55 4.97 16.33 -6.18
C ALA A 55 3.83 16.54 -7.18
N LYS A 56 4.07 17.25 -8.29
CA LYS A 56 3.01 17.45 -9.27
C LYS A 56 2.47 16.11 -9.77
N VAL A 57 3.37 15.22 -10.17
CA VAL A 57 2.95 13.97 -10.82
C VAL A 57 2.09 13.15 -9.87
N MET A 58 2.41 13.21 -8.58
CA MET A 58 1.66 12.43 -7.61
C MET A 58 0.24 12.98 -7.45
N MET A 59 0.04 14.30 -7.57
CA MET A 59 -1.31 14.86 -7.49
C MET A 59 -2.16 14.47 -8.69
N ASN A 60 -1.53 14.33 -9.86
CA ASN A 60 -2.23 14.01 -11.09
C ASN A 60 -2.57 12.53 -11.23
N LEU A 61 -2.08 11.68 -10.34
CA LEU A 61 -2.59 10.32 -10.30
C LEU A 61 -4.00 10.38 -9.72
N SER A 62 -4.98 10.00 -10.53
CA SER A 62 -6.37 10.07 -10.12
C SER A 62 -7.06 8.78 -10.53
N HIS A 63 -7.60 8.07 -9.54
CA HIS A 63 -8.30 6.81 -9.77
C HIS A 63 -9.16 6.57 -8.54
N GLU A 64 -10.36 5.98 -8.74
N GLU A 64 -10.33 5.97 -8.74
CA GLU A 64 -11.29 5.76 -7.62
CA GLU A 64 -11.29 5.76 -7.66
C GLU A 64 -10.63 4.96 -6.51
C GLU A 64 -10.76 4.84 -6.57
N LYS A 65 -9.72 4.05 -6.86
CA LYS A 65 -9.16 3.10 -5.89
C LYS A 65 -7.82 3.55 -5.35
N LEU A 66 -7.41 4.78 -5.67
CA LEU A 66 -6.23 5.41 -5.08
C LEU A 66 -6.69 6.46 -4.10
N VAL A 67 -6.08 6.47 -2.92
CA VAL A 67 -6.32 7.54 -1.98
C VAL A 67 -5.77 8.82 -2.60
N GLN A 68 -6.65 9.77 -2.85
CA GLN A 68 -6.22 10.94 -3.60
C GLN A 68 -5.31 11.81 -2.77
N LEU A 69 -4.23 12.27 -3.40
CA LEU A 69 -3.41 13.34 -2.85
C LEU A 69 -4.00 14.63 -3.37
N TYR A 70 -4.69 15.38 -2.48
CA TYR A 70 -5.34 16.61 -2.91
C TYR A 70 -4.35 17.75 -3.12
N GLY A 71 -3.32 17.83 -2.29
CA GLY A 71 -2.33 18.86 -2.48
C GLY A 71 -1.42 18.99 -1.26
N VAL A 72 -0.70 20.10 -1.22
CA VAL A 72 0.34 20.32 -0.25
C VAL A 72 0.33 21.77 0.23
N CYS A 73 0.94 21.98 1.38
CA CYS A 73 1.23 23.31 1.89
C CYS A 73 2.73 23.37 2.15
N THR A 74 3.44 24.21 1.41
CA THR A 74 4.89 24.25 1.46
C THR A 74 5.44 25.64 1.77
N LYS A 75 4.57 26.60 2.06
CA LYS A 75 5.01 27.95 2.36
C LYS A 75 5.36 28.14 3.83
N GLN A 76 5.18 27.13 4.66
CA GLN A 76 5.53 27.20 6.06
C GLN A 76 6.16 25.88 6.46
N ARG A 77 6.68 25.83 7.68
CA ARG A 77 7.17 24.56 8.19
C ARG A 77 6.46 24.20 9.48
N PRO A 78 6.09 22.93 9.67
CA PRO A 78 6.29 21.78 8.78
C PRO A 78 5.41 21.82 7.56
N ILE A 79 5.84 21.20 6.45
CA ILE A 79 4.98 21.13 5.28
C ILE A 79 3.83 20.18 5.56
N PHE A 80 2.72 20.39 4.87
CA PHE A 80 1.53 19.56 5.00
C PHE A 80 1.31 18.80 3.70
N ILE A 81 0.85 17.56 3.82
CA ILE A 81 0.33 16.79 2.70
C ILE A 81 -1.13 16.46 3.02
N ILE A 82 -2.03 16.80 2.10
CA ILE A 82 -3.47 16.73 2.37
C ILE A 82 -4.05 15.67 1.45
N THR A 83 -4.72 14.69 2.03
CA THR A 83 -5.18 13.52 1.29
C THR A 83 -6.60 13.17 1.68
N GLU A 84 -7.16 12.25 0.90
CA GLU A 84 -8.54 11.81 1.05
C GLU A 84 -8.72 11.02 2.34
N TYR A 85 -9.66 11.46 3.17
CA TYR A 85 -9.93 10.77 4.43
C TYR A 85 -10.70 9.48 4.21
N MET A 86 -10.32 8.44 4.97
CA MET A 86 -10.89 7.11 4.86
C MET A 86 -11.31 6.70 6.26
N ALA A 87 -12.63 6.62 6.49
CA ALA A 87 -13.15 6.58 7.86
C ALA A 87 -12.79 5.29 8.60
N ASN A 88 -12.56 4.18 7.89
CA ASN A 88 -12.29 2.91 8.55
C ASN A 88 -10.78 2.62 8.70
N GLY A 89 -9.94 3.58 8.40
CA GLY A 89 -8.52 3.42 8.66
C GLY A 89 -7.85 2.39 7.75
N OCS A 90 -6.71 1.90 8.21
CA OCS A 90 -5.87 1.09 7.31
CB OCS A 90 -4.40 1.13 7.73
SG OCS A 90 -3.92 0.26 9.20
C OCS A 90 -6.39 -0.36 7.25
O OCS A 90 -7.08 -0.86 8.17
OD1 OCS A 90 -4.08 -1.16 8.96
OD2 OCS A 90 -2.61 0.62 9.54
OD3 OCS A 90 -4.82 0.69 10.26
H OCS A 90 -6.39 2.01 9.00
HA OCS A 90 -5.94 1.46 6.41
HB2 OCS A 90 -4.16 2.07 7.86
HB3 OCS A 90 -3.87 0.77 7.00
N LEU A 91 -6.12 -1.01 6.11
CA LEU A 91 -6.71 -2.31 5.79
C LEU A 91 -6.30 -3.39 6.76
N LEU A 92 -5.06 -3.35 7.25
CA LEU A 92 -4.60 -4.41 8.13
C LEU A 92 -5.42 -4.46 9.43
N ASN A 93 -5.61 -3.30 10.07
CA ASN A 93 -6.40 -3.32 11.29
C ASN A 93 -7.88 -3.59 11.00
N TYR A 94 -8.36 -3.15 9.84
CA TYR A 94 -9.76 -3.41 9.45
C TYR A 94 -10.00 -4.90 9.30
N LEU A 95 -9.10 -5.60 8.61
CA LEU A 95 -9.19 -7.06 8.53
C LEU A 95 -9.22 -7.69 9.91
N ARG A 96 -8.31 -7.28 10.78
CA ARG A 96 -8.19 -7.98 12.06
C ARG A 96 -9.38 -7.70 12.95
N GLU A 97 -9.94 -6.50 12.86
CA GLU A 97 -11.02 -6.11 13.72
C GLU A 97 -12.38 -6.63 13.25
N MET A 98 -12.56 -6.86 11.96
CA MET A 98 -13.81 -7.37 11.39
C MET A 98 -13.66 -8.80 10.88
N ARG A 99 -12.64 -9.48 11.41
CA ARG A 99 -12.20 -10.80 10.95
C ARG A 99 -13.37 -11.76 10.73
N HIS A 100 -14.30 -11.83 11.67
CA HIS A 100 -15.30 -12.88 11.69
C HIS A 100 -16.53 -12.54 10.85
N ARG A 101 -16.54 -11.39 10.19
CA ARG A 101 -17.67 -10.96 9.39
C ARG A 101 -17.50 -11.12 7.89
N PHE A 102 -16.28 -11.30 7.39
CA PHE A 102 -16.07 -11.26 5.96
C PHE A 102 -16.50 -12.54 5.27
N GLN A 103 -17.23 -12.38 4.18
N GLN A 103 -17.21 -12.39 4.16
CA GLN A 103 -17.44 -13.45 3.22
CA GLN A 103 -17.45 -13.50 3.25
C GLN A 103 -16.24 -13.53 2.28
C GLN A 103 -16.34 -13.51 2.20
N THR A 104 -16.03 -14.70 1.67
CA THR A 104 -14.94 -14.81 0.70
C THR A 104 -15.14 -13.89 -0.49
N GLN A 105 -16.40 -13.61 -0.86
CA GLN A 105 -16.64 -12.72 -1.99
C GLN A 105 -16.12 -11.32 -1.68
N GLN A 106 -16.26 -10.90 -0.43
CA GLN A 106 -15.77 -9.59 -0.03
C GLN A 106 -14.25 -9.55 -0.04
N LEU A 107 -13.62 -10.63 0.39
CA LEU A 107 -12.17 -10.66 0.31
C LEU A 107 -11.69 -10.49 -1.14
N LEU A 108 -12.35 -11.15 -2.08
CA LEU A 108 -11.95 -11.04 -3.47
C LEU A 108 -12.16 -9.61 -3.97
N GLU A 109 -13.26 -8.96 -3.55
CA GLU A 109 -13.51 -7.57 -3.92
C GLU A 109 -12.42 -6.64 -3.39
N MET A 110 -11.90 -6.91 -2.20
CA MET A 110 -10.81 -6.09 -1.72
C MET A 110 -9.60 -6.24 -2.62
N CYS A 111 -9.30 -7.47 -3.03
CA CYS A 111 -8.16 -7.68 -3.93
C CYS A 111 -8.39 -6.98 -5.25
N LYS A 112 -9.62 -7.03 -5.76
CA LYS A 112 -9.95 -6.32 -6.98
C LYS A 112 -9.77 -4.81 -6.83
N ASP A 113 -10.26 -4.22 -5.72
CA ASP A 113 -10.05 -2.80 -5.49
C ASP A 113 -8.58 -2.44 -5.63
N VAL A 114 -7.73 -3.17 -4.92
CA VAL A 114 -6.30 -2.83 -4.93
C VAL A 114 -5.70 -3.04 -6.31
N CYS A 115 -6.06 -4.15 -6.95
CA CYS A 115 -5.51 -4.46 -8.26
C CYS A 115 -5.88 -3.41 -9.31
N GLU A 116 -7.11 -2.88 -9.24
CA GLU A 116 -7.48 -1.80 -10.15
C GLU A 116 -6.59 -0.59 -9.97
N ALA A 117 -6.39 -0.18 -8.71
CA ALA A 117 -5.50 0.95 -8.42
C ALA A 117 -4.07 0.71 -8.92
N MET A 118 -3.54 -0.49 -8.69
CA MET A 118 -2.19 -0.81 -9.13
C MET A 118 -2.10 -0.92 -10.66
N GLU A 119 -3.12 -1.48 -11.32
N GLU A 119 -3.13 -1.46 -11.31
CA GLU A 119 -3.13 -1.45 -12.77
CA GLU A 119 -3.13 -1.45 -12.77
C GLU A 119 -3.01 -0.01 -13.28
C GLU A 119 -3.06 -0.02 -13.31
N TYR A 120 -3.72 0.92 -12.63
CA TYR A 120 -3.62 2.31 -13.00
C TYR A 120 -2.20 2.85 -12.79
N LEU A 121 -1.61 2.57 -11.63
CA LEU A 121 -0.26 3.06 -11.38
C LEU A 121 0.69 2.48 -12.41
N GLU A 122 0.51 1.19 -12.69
CA GLU A 122 1.34 0.49 -13.66
C GLU A 122 1.25 1.18 -15.02
N SER A 123 0.05 1.52 -15.43
CA SER A 123 -0.15 2.17 -16.72
C SER A 123 0.49 3.56 -16.75
N LYS A 124 0.73 4.15 -15.59
CA LYS A 124 1.41 5.44 -15.48
C LYS A 124 2.89 5.27 -15.16
N GLN A 125 3.38 4.03 -15.20
CA GLN A 125 4.77 3.73 -14.87
C GLN A 125 5.17 4.37 -13.54
N PHE A 126 4.26 4.31 -12.58
CA PHE A 126 4.48 4.87 -11.26
C PHE A 126 4.53 3.74 -10.25
N LEU A 127 5.61 3.67 -9.47
CA LEU A 127 5.78 2.59 -8.51
C LEU A 127 5.26 3.00 -7.14
N HIS A 128 4.60 2.06 -6.49
CA HIS A 128 4.22 2.28 -5.09
C HIS A 128 5.45 2.23 -4.20
N ARG A 129 6.14 1.09 -4.20
CA ARG A 129 7.38 0.76 -3.49
C ARG A 129 7.14 0.27 -2.07
N ASP A 130 5.96 0.46 -1.49
CA ASP A 130 5.66 -0.09 -0.16
C ASP A 130 4.21 -0.53 -0.09
N LEU A 131 3.78 -1.30 -1.07
CA LEU A 131 2.42 -1.83 -1.03
C LEU A 131 2.31 -2.91 0.03
N ALA A 132 1.21 -2.88 0.81
CA ALA A 132 0.99 -3.72 1.97
C ALA A 132 -0.37 -3.32 2.53
N ALA A 133 -0.99 -4.23 3.28
CA ALA A 133 -2.29 -3.89 3.85
C ALA A 133 -2.22 -2.64 4.72
N ARG A 134 -1.10 -2.42 5.41
CA ARG A 134 -0.98 -1.25 6.26
C ARG A 134 -0.99 0.03 5.46
N ASN A 135 -0.67 -0.05 4.18
CA ASN A 135 -0.66 1.12 3.28
C ASN A 135 -1.81 1.07 2.28
N CYS A 136 -2.91 0.47 2.70
CA CYS A 136 -4.22 0.59 2.08
C CYS A 136 -5.17 1.11 3.14
N LEU A 137 -6.17 1.87 2.72
CA LEU A 137 -7.16 2.43 3.63
C LEU A 137 -8.54 2.00 3.17
N VAL A 138 -9.51 2.09 4.09
CA VAL A 138 -10.86 1.58 3.86
C VAL A 138 -11.84 2.69 4.17
N ASN A 139 -12.75 2.95 3.24
CA ASN A 139 -13.69 4.03 3.50
C ASN A 139 -14.93 3.50 4.21
N ASP A 140 -15.87 4.42 4.44
CA ASP A 140 -17.06 4.10 5.23
C ASP A 140 -17.97 3.12 4.53
N GLN A 141 -17.77 2.85 3.25
CA GLN A 141 -18.57 1.83 2.57
C GLN A 141 -17.79 0.55 2.33
N GLY A 142 -16.60 0.41 2.87
CA GLY A 142 -15.85 -0.82 2.76
C GLY A 142 -15.00 -0.93 1.53
N VAL A 143 -14.88 0.15 0.76
CA VAL A 143 -14.02 0.16 -0.42
C VAL A 143 -12.59 0.34 0.03
N VAL A 144 -11.72 -0.46 -0.50
CA VAL A 144 -10.29 -0.38 -0.20
C VAL A 144 -9.61 0.47 -1.25
N LYS A 145 -8.72 1.35 -0.81
CA LYS A 145 -7.95 2.19 -1.71
C LYS A 145 -6.48 2.15 -1.32
N VAL A 146 -5.61 2.29 -2.31
CA VAL A 146 -4.15 2.21 -2.09
C VAL A 146 -3.63 3.58 -1.68
N SER A 147 -2.83 3.61 -0.61
N SER A 147 -2.85 3.61 -0.58
CA SER A 147 -2.42 4.85 0.04
CA SER A 147 -2.43 4.87 0.02
C SER A 147 -0.91 5.00 0.03
C SER A 147 -0.90 5.00 0.01
N ASP A 148 -0.46 6.26 0.05
CA ASP A 148 0.96 6.59 0.25
C ASP A 148 1.88 6.02 -0.82
N PHE A 149 1.34 5.85 -2.01
CA PHE A 149 2.10 5.39 -3.15
C PHE A 149 3.25 6.34 -3.45
N GLY A 150 4.44 5.78 -3.67
CA GLY A 150 5.61 6.58 -4.02
C GLY A 150 6.30 7.32 -2.88
N LEU A 151 5.69 7.43 -1.71
CA LEU A 151 6.29 8.26 -0.67
C LEU A 151 7.53 7.61 -0.04
N SER A 152 7.67 6.29 -0.11
CA SER A 152 8.88 5.67 0.43
C SER A 152 10.13 6.30 -0.16
N ARG A 153 10.06 6.77 -1.40
CA ARG A 153 11.20 7.42 -2.04
C ARG A 153 11.73 8.62 -1.26
N TYR A 154 10.96 9.21 -0.34
CA TYR A 154 11.36 10.45 0.33
C TYR A 154 11.66 10.26 1.82
N VAL A 155 11.65 9.03 2.30
CA VAL A 155 11.82 8.76 3.72
C VAL A 155 13.29 8.88 4.07
N LEU A 156 13.58 9.69 5.07
CA LEU A 156 14.93 9.86 5.62
C LEU A 156 14.93 9.16 6.97
N ASP A 157 15.30 7.90 6.95
CA ASP A 157 15.34 7.07 8.13
C ASP A 157 16.07 5.81 7.71
N ASP A 158 17.32 5.67 8.15
CA ASP A 158 18.14 4.56 7.71
C ASP A 158 17.50 3.22 8.05
N GLU A 159 16.68 3.18 9.11
CA GLU A 159 16.04 1.91 9.48
C GLU A 159 15.00 1.51 8.47
N TYR A 160 14.48 2.46 7.71
CA TYR A 160 13.48 2.22 6.68
C TYR A 160 14.07 2.05 5.28
N THR A 161 15.13 2.81 4.95
CA THR A 161 15.66 2.82 3.59
C THR A 161 16.68 1.71 3.33
N SER A 162 17.28 1.17 4.37
CA SER A 162 18.23 0.06 4.25
C SER A 162 17.53 -1.29 4.30
N SER A 163 17.86 -2.17 3.36
CA SER A 163 17.25 -3.51 3.32
C SER A 163 17.52 -4.32 4.58
N VAL A 164 18.50 -3.92 5.39
CA VAL A 164 18.73 -4.58 6.68
C VAL A 164 18.28 -3.72 7.85
N GLY A 165 17.64 -2.56 7.59
CA GLY A 165 17.02 -1.80 8.65
C GLY A 165 15.77 -2.46 9.19
N SER A 166 15.42 -2.07 10.42
CA SER A 166 14.31 -2.69 11.14
C SER A 166 12.94 -2.37 10.57
N LYS A 167 12.82 -1.28 9.81
CA LYS A 167 11.56 -0.84 9.25
C LYS A 167 11.43 -1.13 7.77
N PHE A 168 12.45 -1.67 7.12
CA PHE A 168 12.32 -1.98 5.70
C PHE A 168 11.24 -3.04 5.52
N PRO A 169 10.37 -2.93 4.47
CA PRO A 169 9.31 -3.93 4.24
C PRO A 169 9.82 -5.24 3.64
N VAL A 170 10.72 -5.91 4.37
CA VAL A 170 11.31 -7.14 3.89
C VAL A 170 10.25 -8.14 3.50
N ARG A 171 9.20 -8.26 4.32
CA ARG A 171 8.24 -9.33 4.11
C ARG A 171 7.35 -9.10 2.90
N TRP A 172 7.41 -7.90 2.31
CA TRP A 172 6.70 -7.57 1.07
C TRP A 172 7.65 -7.43 -0.13
N SER A 173 8.89 -7.89 -0.02
CA SER A 173 9.91 -7.59 -1.03
C SER A 173 10.37 -8.83 -1.78
N PRO A 174 10.56 -8.74 -3.10
CA PRO A 174 11.08 -9.87 -3.86
C PRO A 174 12.58 -9.99 -3.72
N PRO A 175 13.14 -11.10 -4.17
CA PRO A 175 14.60 -11.30 -4.07
C PRO A 175 15.41 -10.18 -4.69
N GLU A 176 15.00 -9.61 -5.83
CA GLU A 176 15.87 -8.64 -6.48
C GLU A 176 15.87 -7.31 -5.72
N VAL A 177 14.86 -7.05 -4.90
CA VAL A 177 14.89 -5.89 -4.03
C VAL A 177 15.77 -6.15 -2.82
N LEU A 178 15.67 -7.34 -2.25
CA LEU A 178 16.43 -7.62 -1.04
C LEU A 178 17.93 -7.73 -1.34
N MET A 179 18.29 -8.19 -2.54
CA MET A 179 19.68 -8.38 -2.94
C MET A 179 20.25 -7.19 -3.69
N TYR A 180 19.46 -6.51 -4.53
CA TYR A 180 20.01 -5.49 -5.43
C TYR A 180 19.28 -4.16 -5.37
N SER A 181 18.24 -4.03 -4.56
CA SER A 181 17.42 -2.81 -4.52
C SER A 181 16.86 -2.46 -5.91
N LYS A 182 16.46 -3.49 -6.64
CA LYS A 182 15.91 -3.32 -7.99
C LYS A 182 14.39 -3.23 -7.87
N PHE A 183 13.89 -2.01 -7.67
CA PHE A 183 12.44 -1.77 -7.68
C PHE A 183 11.94 -1.60 -9.09
N SER A 184 10.77 -2.19 -9.33
CA SER A 184 10.13 -2.12 -10.64
C SER A 184 8.66 -2.42 -10.43
N SER A 185 7.91 -2.37 -11.54
CA SER A 185 6.53 -2.84 -11.50
C SER A 185 6.45 -4.23 -10.90
N LYS A 186 7.47 -5.05 -11.18
CA LYS A 186 7.43 -6.44 -10.74
C LYS A 186 7.72 -6.57 -9.26
N SER A 187 8.31 -5.55 -8.62
CA SER A 187 8.42 -5.65 -7.16
C SER A 187 7.12 -5.23 -6.51
N ASP A 188 6.37 -4.30 -7.13
CA ASP A 188 5.01 -4.03 -6.67
C ASP A 188 4.11 -5.27 -6.83
N ILE A 189 4.31 -6.01 -7.94
CA ILE A 189 3.57 -7.27 -8.17
C ILE A 189 3.79 -8.24 -7.02
N TRP A 190 5.06 -8.49 -6.67
CA TRP A 190 5.36 -9.36 -5.54
C TRP A 190 4.62 -8.91 -4.29
N ALA A 191 4.73 -7.61 -3.97
CA ALA A 191 4.09 -7.07 -2.77
C ALA A 191 2.56 -7.25 -2.83
N PHE A 192 1.96 -7.10 -4.01
CA PHE A 192 0.51 -7.33 -4.14
C PHE A 192 0.14 -8.76 -3.79
N GLY A 193 0.96 -9.73 -4.20
CA GLY A 193 0.70 -11.11 -3.83
C GLY A 193 0.68 -11.30 -2.32
N VAL A 194 1.62 -10.65 -1.62
CA VAL A 194 1.68 -10.74 -0.17
C VAL A 194 0.46 -10.05 0.42
N LEU A 195 0.03 -8.95 -0.19
CA LEU A 195 -1.18 -8.25 0.25
C LEU A 195 -2.41 -9.14 0.08
N MET A 196 -2.54 -9.85 -1.04
CA MET A 196 -3.61 -10.84 -1.15
C MET A 196 -3.57 -11.82 0.00
N TRP A 197 -2.36 -12.25 0.38
CA TRP A 197 -2.23 -13.20 1.47
C TRP A 197 -2.65 -12.57 2.80
N GLU A 198 -2.28 -11.30 3.03
CA GLU A 198 -2.80 -10.61 4.21
C GLU A 198 -4.33 -10.59 4.22
N ILE A 199 -4.95 -10.31 3.07
CA ILE A 199 -6.41 -10.26 3.01
C ILE A 199 -7.01 -11.63 3.33
N TYR A 200 -6.56 -12.68 2.62
CA TYR A 200 -7.20 -13.97 2.81
C TYR A 200 -6.87 -14.62 4.15
N SER A 201 -5.75 -14.26 4.79
CA SER A 201 -5.45 -14.68 6.15
C SER A 201 -6.14 -13.80 7.18
N LEU A 202 -6.89 -12.82 6.75
CA LEU A 202 -7.61 -11.92 7.64
C LEU A 202 -6.65 -11.17 8.56
N GLY A 203 -5.55 -10.73 7.99
CA GLY A 203 -4.68 -9.80 8.69
C GLY A 203 -3.57 -10.44 9.51
N LYS A 204 -3.18 -11.67 9.22
CA LYS A 204 -2.00 -12.23 9.85
C LYS A 204 -0.73 -11.55 9.34
N MET A 205 0.33 -11.66 10.14
CA MET A 205 1.65 -11.19 9.74
C MET A 205 2.33 -12.23 8.84
N PRO A 206 2.82 -11.83 7.67
CA PRO A 206 3.55 -12.79 6.83
C PRO A 206 4.81 -13.28 7.50
N TYR A 207 5.08 -14.57 7.35
CA TYR A 207 6.26 -15.22 7.90
C TYR A 207 6.38 -14.94 9.40
N GLU A 208 5.26 -15.01 10.09
CA GLU A 208 5.26 -14.77 11.52
C GLU A 208 6.24 -15.73 12.21
N ARG A 209 6.92 -15.23 13.23
CA ARG A 209 7.97 -15.89 14.00
C ARG A 209 9.31 -15.99 13.26
N PHE A 210 9.39 -15.65 11.96
CA PHE A 210 10.65 -15.50 11.25
C PHE A 210 11.11 -14.07 11.45
N THR A 211 12.41 -13.88 11.63
CA THR A 211 12.95 -12.53 11.58
C THR A 211 12.98 -12.06 10.12
N ASN A 212 13.29 -10.78 9.93
CA ASN A 212 13.44 -10.25 8.58
C ASN A 212 14.55 -10.97 7.82
N SER A 213 15.68 -11.26 8.48
CA SER A 213 16.77 -11.90 7.75
C SER A 213 16.44 -13.35 7.44
N GLU A 214 15.77 -14.05 8.36
CA GLU A 214 15.29 -15.40 8.07
C GLU A 214 14.27 -15.40 6.95
N THR A 215 13.42 -14.37 6.91
CA THR A 215 12.48 -14.24 5.81
C THR A 215 13.23 -14.12 4.49
N ALA A 216 14.23 -13.25 4.45
CA ALA A 216 15.03 -13.07 3.23
C ALA A 216 15.64 -14.38 2.79
N GLU A 217 16.26 -15.09 3.74
CA GLU A 217 16.87 -16.39 3.47
C GLU A 217 15.86 -17.37 2.89
N HIS A 218 14.68 -17.45 3.47
N HIS A 218 14.73 -17.54 3.60
CA HIS A 218 13.79 -18.52 3.04
CA HIS A 218 13.59 -18.35 3.20
C HIS A 218 13.06 -18.19 1.74
C HIS A 218 13.25 -18.13 1.74
N ILE A 219 12.86 -16.91 1.41
CA ILE A 219 12.34 -16.65 0.08
C ILE A 219 13.45 -16.79 -0.97
N ALA A 220 14.69 -16.47 -0.61
CA ALA A 220 15.77 -16.70 -1.56
C ALA A 220 15.96 -18.19 -1.87
N GLN A 221 15.53 -19.08 -0.98
CA GLN A 221 15.61 -20.52 -1.20
C GLN A 221 14.35 -21.11 -1.87
N GLY A 222 13.44 -20.25 -2.37
CA GLY A 222 12.29 -20.71 -3.12
C GLY A 222 11.00 -20.89 -2.33
N LEU A 223 11.02 -20.61 -1.04
CA LEU A 223 9.93 -20.92 -0.15
C LEU A 223 8.95 -19.75 -0.08
N ARG A 224 7.66 -20.07 0.06
CA ARG A 224 6.60 -19.09 -0.14
C ARG A 224 5.58 -19.21 0.97
N LEU A 225 4.75 -18.18 1.07
CA LEU A 225 3.67 -18.18 2.05
C LEU A 225 2.64 -19.27 1.74
N TYR A 226 2.14 -19.93 2.79
CA TYR A 226 1.17 -21.02 2.62
C TYR A 226 -0.19 -20.48 2.19
N ARG A 227 -1.04 -21.38 1.67
CA ARG A 227 -2.38 -20.94 1.24
C ARG A 227 -3.28 -20.72 2.45
N PRO A 228 -3.82 -19.53 2.65
CA PRO A 228 -4.73 -19.34 3.78
C PRO A 228 -6.02 -20.12 3.59
N HIS A 229 -6.58 -20.52 4.72
CA HIS A 229 -7.73 -21.41 4.71
C HIS A 229 -8.84 -20.89 3.82
N LEU A 230 -9.08 -19.59 3.83
CA LEU A 230 -10.21 -19.04 3.08
C LEU A 230 -9.92 -18.85 1.60
N ALA A 231 -8.68 -19.05 1.15
CA ALA A 231 -8.34 -18.88 -0.25
C ALA A 231 -8.61 -20.17 -1.01
N SER A 232 -9.44 -20.08 -2.05
CA SER A 232 -9.61 -21.18 -2.98
C SER A 232 -8.30 -21.44 -3.72
N GLU A 233 -8.23 -22.62 -4.34
CA GLU A 233 -7.10 -22.94 -5.18
C GLU A 233 -6.88 -21.89 -6.27
N LYS A 234 -7.95 -21.44 -6.92
CA LYS A 234 -7.82 -20.44 -7.98
C LYS A 234 -7.22 -19.15 -7.44
N VAL A 235 -7.73 -18.70 -6.30
CA VAL A 235 -7.22 -17.49 -5.67
C VAL A 235 -5.75 -17.66 -5.31
N TYR A 236 -5.39 -18.81 -4.75
CA TYR A 236 -4.00 -19.00 -4.35
C TYR A 236 -3.08 -19.01 -5.55
N THR A 237 -3.54 -19.59 -6.68
CA THR A 237 -2.77 -19.57 -7.92
C THR A 237 -2.46 -18.14 -8.35
N ILE A 238 -3.44 -17.24 -8.18
CA ILE A 238 -3.24 -15.84 -8.51
C ILE A 238 -2.19 -15.20 -7.61
N MET A 239 -2.32 -15.33 -6.28
CA MET A 239 -1.32 -14.69 -5.42
C MET A 239 0.05 -15.33 -5.61
N TYR A 240 0.09 -16.65 -5.87
CA TYR A 240 1.37 -17.36 -6.03
C TYR A 240 2.09 -16.94 -7.30
N SER A 241 1.34 -16.62 -8.35
CA SER A 241 1.96 -16.16 -9.59
C SER A 241 2.76 -14.87 -9.37
N CYS A 242 2.48 -14.16 -8.28
CA CYS A 242 3.18 -12.91 -8.01
C CYS A 242 4.58 -13.12 -7.46
N TRP A 243 4.90 -14.37 -7.11
CA TRP A 243 6.09 -14.68 -6.35
C TRP A 243 7.10 -15.50 -7.14
N HIS A 244 6.97 -15.57 -8.47
CA HIS A 244 8.05 -16.12 -9.28
C HIS A 244 9.38 -15.51 -8.88
N GLU A 245 10.39 -16.36 -8.68
CA GLU A 245 11.74 -15.89 -8.37
C GLU A 245 12.22 -14.88 -9.40
N LYS A 246 12.01 -15.16 -10.67
CA LYS A 246 12.43 -14.27 -11.74
C LYS A 246 11.33 -13.24 -12.00
N ALA A 247 11.71 -11.97 -11.97
CA ALA A 247 10.73 -10.89 -12.07
C ALA A 247 9.97 -10.94 -13.38
N ASP A 248 10.66 -11.27 -14.47
CA ASP A 248 9.99 -11.22 -15.77
C ASP A 248 8.98 -12.34 -15.95
N GLU A 249 8.95 -13.33 -15.07
CA GLU A 249 7.89 -14.34 -15.09
C GLU A 249 6.65 -13.94 -14.29
N ARG A 250 6.70 -12.84 -13.60
CA ARG A 250 5.54 -12.41 -12.84
C ARG A 250 4.54 -11.73 -13.76
N PRO A 251 3.25 -11.84 -13.46
CA PRO A 251 2.25 -11.16 -14.29
C PRO A 251 2.33 -9.66 -14.14
N THR A 252 1.57 -8.98 -15.01
CA THR A 252 1.26 -7.57 -14.87
C THR A 252 -0.04 -7.42 -14.09
N PHE A 253 -0.28 -6.20 -13.58
CA PHE A 253 -1.54 -5.96 -12.89
C PHE A 253 -2.72 -6.07 -13.85
N LYS A 254 -2.53 -5.77 -15.14
CA LYS A 254 -3.61 -6.01 -16.09
C LYS A 254 -4.00 -7.48 -16.11
N ILE A 255 -3.01 -8.38 -16.15
CA ILE A 255 -3.32 -9.80 -16.18
C ILE A 255 -3.95 -10.23 -14.86
N LEU A 256 -3.39 -9.75 -13.76
CA LEU A 256 -3.94 -10.10 -12.46
C LEU A 256 -5.39 -9.65 -12.35
N LEU A 257 -5.71 -8.47 -12.87
CA LEU A 257 -7.09 -8.01 -12.79
C LEU A 257 -8.01 -8.92 -13.59
N SER A 258 -7.58 -9.30 -14.80
CA SER A 258 -8.33 -10.26 -15.61
C SER A 258 -8.56 -11.57 -14.87
N ASN A 259 -7.52 -12.08 -14.19
CA ASN A 259 -7.65 -13.32 -13.41
C ASN A 259 -8.71 -13.18 -12.32
N ILE A 260 -8.65 -12.08 -11.55
CA ILE A 260 -9.58 -11.85 -10.46
C ILE A 260 -11.00 -11.74 -11.00
N LEU A 261 -11.18 -10.99 -12.08
CA LEU A 261 -12.51 -10.91 -12.71
C LEU A 261 -12.99 -12.29 -13.12
N ASP A 262 -12.10 -13.10 -13.71
CA ASP A 262 -12.50 -14.44 -14.12
C ASP A 262 -12.98 -15.26 -12.95
N VAL A 263 -12.30 -15.16 -11.81
CA VAL A 263 -12.75 -15.90 -10.63
C VAL A 263 -14.09 -15.38 -10.17
N MET A 264 -14.29 -14.06 -10.21
CA MET A 264 -15.60 -13.51 -9.86
C MET A 264 -16.69 -14.02 -10.78
N ASP A 265 -16.43 -14.01 -12.09
CA ASP A 265 -17.41 -14.51 -13.05
C ASP A 265 -17.80 -15.93 -12.75
N GLU A 266 -16.82 -16.78 -12.45
CA GLU A 266 -17.09 -18.19 -12.20
C GLU A 266 -17.96 -18.37 -10.96
N ASN A 267 -17.70 -17.60 -9.91
CA ASN A 267 -18.48 -17.73 -8.67
C ASN A 267 -19.96 -17.41 -8.86
S SO4 B . -5.09 -19.05 8.00
O1 SO4 B . -5.70 -17.99 7.23
O2 SO4 B . -5.88 -19.34 9.19
O3 SO4 B . -5.02 -20.25 7.15
O4 SO4 B . -3.77 -18.68 8.46
S SO4 C . -3.27 -13.59 14.73
O1 SO4 C . -4.37 -14.48 14.36
O2 SO4 C . -3.64 -12.66 15.79
O3 SO4 C . -2.17 -14.46 15.17
O4 SO4 C . -2.84 -12.77 13.59
S SO4 D . -9.36 -15.64 15.75
O1 SO4 D . -8.56 -16.37 16.72
O2 SO4 D . -10.78 -15.98 15.93
O3 SO4 D . -9.12 -14.21 15.94
O4 SO4 D . -8.97 -16.02 14.39
S SO4 E . 9.70 -20.07 -9.97
O1 SO4 E . 9.65 -19.40 -8.65
O2 SO4 E . 8.40 -20.63 -10.32
O3 SO4 E . 10.11 -19.13 -11.03
O4 SO4 E . 10.68 -21.17 -9.87
C4 DVD F . -7.21 5.54 12.93
C6 DVD F . -9.15 6.23 11.52
C11 DVD F . -6.60 7.62 7.92
C7 DVD F . -9.35 6.68 10.29
C8 DVD F . -8.07 6.78 9.70
C12 DVD F . -5.37 7.40 8.54
C13 DVD F . -4.23 7.93 7.89
N2 DVD F . -9.55 5.31 13.76
C3 DVD F . -8.21 5.84 14.07
C1 DVD F . -10.44 5.41 14.93
C17 DVD F . -6.67 8.33 6.71
C19 DVD F . -2.86 7.78 8.42
C20 DVD F . -2.63 8.12 9.75
C21 DVD F . -1.37 8.00 10.30
C22 DVD F . -0.34 7.56 9.49
C23 DVD F . -0.53 7.23 8.15
C24 DVD F . -1.81 7.34 7.59
C25 DVD F . -2.06 6.93 6.16
C28 DVD F . 1.51 7.57 6.89
C30 DVD F . 2.59 7.06 6.01
C31 DVD F . 2.71 5.85 5.41
C32 DVD F . 3.88 5.73 4.60
C33 DVD F . 4.34 4.63 3.84
C34 DVD F . 5.49 4.71 3.13
C35 DVD F . 6.25 5.88 3.13
C36 DVD F . 5.84 6.97 3.84
C37 DVD F . 4.66 6.90 4.57
C39 DVD F . -10.19 5.97 12.60
N10 DVD F . -7.82 7.21 8.42
N14 DVD F . -4.32 8.58 6.75
N15 DVD F . -5.55 8.79 6.15
N27 DVD F . 0.52 6.77 7.34
N5 DVD F . -7.84 6.05 11.70
N9 DVD F . -7.16 6.40 10.54
O18 DVD F . -7.76 8.54 6.16
O26 DVD F . -1.49 7.77 5.14
O29 DVD F . 1.53 8.76 7.17
S38 DVD F . 3.91 8.14 5.57
H16 DVD F . -5.59 9.28 5.31
#